data_5OVF
#
_entry.id   5OVF
#
_cell.length_a   39.895
_cell.length_b   85.161
_cell.length_c   176.537
_cell.angle_alpha   90.00
_cell.angle_beta   90.00
_cell.angle_gamma   90.00
#
_symmetry.space_group_name_H-M   'P 21 21 21'
#
loop_
_entity.id
_entity.type
_entity.pdbx_description
1 polymer 'Son of sevenless homolog 1'
2 non-polymer 6,7-dimethoxy-2-methyl-~{N}-[(1~{R})-1-[3-(1~{H}-pyrazol-4-yl)phenyl]ethyl]quinazolin-4-amine
3 non-polymer 1,2-ETHANEDIOL
4 water water
#
_entity_poly.entity_id   1
_entity_poly.type   'polypeptide(L)'
_entity_poly.pdbx_seq_one_letter_code
;GAMAEEQMRLPSADVYRFAEPDSEENIIFEENMQPKAGIPIIKAGTVIKLIERLTYHMYADPNFVRTFLTTYRSFCKPQE
LLSLIIERFEIPEPEPTEADRIAIENGDQPLSAELKRFRKEYIQPVQLRVLNVCRHWVEHHFYDFERDAYLLQRMEEFIG
TVRGKAMKKWVESITKIIQRKKIARDNGPGHNITFQSSPPTVEWHISRPGHIETFDLLTLHPIEIARQLTLLESDLYRAV
QPSELVGSVWTKEDKEINSPNLLKMIRHTTNLTLWFEKCIVETENLEERVAVVSRIIEILQVFQELNNFNGVLEVVSAMN
SSPVYRLDHTFEQIPSRQKKILEEAHELSEDHYKKYLAKLRSINPPCVPFFGIYLTNILKTEEGNPEVLKRHGKELINFS
KRRKVAEITGEIQQYQNQPYCLRVESDIKRFFENLNPMGNSMEKEFTDYLFNKSLEIEPRNPKPLPRFPKKYSYPLKSPG
VRPSNPRPGT
;
_entity_poly.pdbx_strand_id   A
#
# COMPACT_ATOMS: atom_id res chain seq x y z
N GLY A 1 -38.28 -21.24 25.92
CA GLY A 1 -37.97 -20.08 26.81
C GLY A 1 -37.59 -18.82 26.06
N ALA A 2 -37.05 -17.85 26.80
CA ALA A 2 -36.68 -16.54 26.25
C ALA A 2 -35.61 -16.58 25.14
N MET A 3 -34.72 -17.57 25.22
CA MET A 3 -33.71 -17.79 24.17
C MET A 3 -34.35 -18.25 22.87
N ALA A 4 -35.23 -19.25 22.96
CA ALA A 4 -35.99 -19.75 21.82
C ALA A 4 -36.98 -18.72 21.27
N GLU A 5 -37.50 -17.86 22.15
CA GLU A 5 -38.36 -16.74 21.77
C GLU A 5 -37.61 -15.73 20.89
N GLU A 6 -36.40 -15.35 21.32
CA GLU A 6 -35.55 -14.42 20.55
C GLU A 6 -35.10 -14.99 19.20
N GLN A 7 -34.62 -16.23 19.20
CA GLN A 7 -34.13 -16.88 17.98
C GLN A 7 -35.23 -17.09 16.95
N MET A 8 -36.43 -17.46 17.40
CA MET A 8 -37.56 -17.71 16.49
C MET A 8 -38.22 -16.43 15.95
N ARG A 9 -37.94 -15.28 16.57
CA ARG A 9 -38.27 -13.97 15.97
C ARG A 9 -37.41 -13.64 14.74
N LEU A 10 -36.26 -14.30 14.59
CA LEU A 10 -35.44 -14.18 13.38
C LEU A 10 -35.93 -15.19 12.34
N PRO A 11 -35.55 -15.02 11.05
CA PRO A 11 -36.00 -15.97 10.03
C PRO A 11 -35.31 -17.33 10.16
N SER A 12 -36.03 -18.40 9.81
CA SER A 12 -35.49 -19.76 9.88
C SER A 12 -34.47 -20.03 8.77
N ALA A 13 -33.63 -21.03 9.00
CA ALA A 13 -32.50 -21.36 8.11
C ALA A 13 -32.88 -21.76 6.68
N ASP A 14 -34.09 -22.30 6.49
CA ASP A 14 -34.56 -22.73 5.16
C ASP A 14 -34.88 -21.58 4.20
N VAL A 15 -35.13 -20.38 4.73
CA VAL A 15 -35.45 -19.19 3.90
C VAL A 15 -34.44 -18.05 4.01
N TYR A 16 -33.39 -18.22 4.81
CA TYR A 16 -32.43 -17.15 5.11
C TYR A 16 -31.20 -17.72 5.80
N ARG A 17 -30.01 -17.34 5.35
CA ARG A 17 -28.75 -17.93 5.84
C ARG A 17 -28.01 -17.13 6.91
N PHE A 18 -28.41 -15.88 7.16
CA PHE A 18 -27.64 -14.98 8.06
C PHE A 18 -28.23 -14.81 9.46
N ALA A 19 -29.03 -15.78 9.91
CA ALA A 19 -29.71 -15.70 11.22
C ALA A 19 -29.53 -16.94 12.11
N GLU A 20 -28.56 -17.80 11.79
CA GLU A 20 -28.24 -18.95 12.64
C GLU A 20 -27.58 -18.46 13.94
N PRO A 21 -27.73 -19.21 15.05
CA PRO A 21 -27.16 -18.74 16.31
C PRO A 21 -25.63 -18.80 16.32
N ASP A 22 -25.02 -17.91 17.11
CA ASP A 22 -23.57 -17.93 17.31
C ASP A 22 -23.15 -19.19 18.08
N SER A 23 -21.96 -19.69 17.79
CA SER A 23 -21.42 -20.90 18.41
C SER A 23 -19.91 -21.01 18.12
N GLU A 24 -19.25 -21.97 18.76
CA GLU A 24 -17.82 -22.21 18.53
C GLU A 24 -17.50 -22.78 17.14
N GLU A 25 -18.48 -23.40 16.49
CA GLU A 25 -18.30 -23.97 15.14
C GLU A 25 -18.38 -22.95 14.00
N ASN A 26 -18.80 -21.72 14.26
CA ASN A 26 -18.87 -20.68 13.21
C ASN A 26 -18.35 -19.25 13.53
N ILE A 27 -18.01 -18.96 14.79
CA ILE A 27 -17.46 -17.65 15.14
C ILE A 27 -16.70 -17.67 16.48
N ILE A 28 -15.59 -16.93 16.53
CA ILE A 28 -14.76 -16.79 17.74
C ILE A 28 -14.44 -15.31 17.94
N PHE A 29 -14.45 -14.88 19.21
CA PHE A 29 -14.08 -13.52 19.59
C PHE A 29 -12.73 -13.49 20.31
N GLU A 30 -12.10 -12.33 20.31
CA GLU A 30 -10.83 -12.10 21.00
C GLU A 30 -11.10 -11.98 22.51
N GLU A 31 -10.08 -12.27 23.32
CA GLU A 31 -10.18 -12.14 24.78
C GLU A 31 -10.41 -10.68 25.22
N GLY A 38 -17.92 -2.81 25.72
CA GLY A 38 -17.36 -2.56 24.39
C GLY A 38 -17.84 -3.55 23.35
N ILE A 39 -17.72 -3.18 22.08
CA ILE A 39 -18.09 -4.04 20.95
C ILE A 39 -17.10 -5.22 20.89
N PRO A 40 -17.59 -6.46 20.70
CA PRO A 40 -16.66 -7.59 20.67
C PRO A 40 -15.74 -7.57 19.45
N ILE A 41 -14.51 -8.02 19.63
CA ILE A 41 -13.51 -8.07 18.56
C ILE A 41 -13.53 -9.47 17.95
N ILE A 42 -13.88 -9.54 16.66
CA ILE A 42 -14.01 -10.82 15.96
C ILE A 42 -12.62 -11.41 15.67
N LYS A 43 -12.37 -12.60 16.20
CA LYS A 43 -11.10 -13.30 16.02
C LYS A 43 -11.14 -14.18 14.77
N ALA A 44 -12.24 -14.92 14.60
CA ALA A 44 -12.43 -15.76 13.42
C ALA A 44 -13.90 -16.08 13.22
N GLY A 45 -14.21 -16.57 12.03
CA GLY A 45 -15.56 -17.03 11.71
C GLY A 45 -15.71 -17.48 10.26
N THR A 46 -16.85 -18.08 9.95
CA THR A 46 -17.20 -18.41 8.56
C THR A 46 -17.52 -17.10 7.84
N VAL A 47 -17.42 -17.10 6.52
CA VAL A 47 -17.71 -15.89 5.73
C VAL A 47 -19.14 -15.38 5.96
N ILE A 48 -20.09 -16.31 6.10
CA ILE A 48 -21.49 -15.97 6.38
C ILE A 48 -21.65 -15.24 7.73
N LYS A 49 -20.86 -15.63 8.72
CA LYS A 49 -20.88 -14.96 10.03
C LYS A 49 -20.16 -13.61 10.01
N LEU A 50 -19.10 -13.50 9.22
CA LEU A 50 -18.40 -12.23 9.03
C LEU A 50 -19.29 -11.21 8.31
N ILE A 51 -20.04 -11.66 7.31
CA ILE A 51 -21.01 -10.81 6.60
C ILE A 51 -22.15 -10.37 7.54
N GLU A 52 -22.65 -11.30 8.35
CA GLU A 52 -23.66 -11.01 9.38
C GLU A 52 -23.19 -9.92 10.34
N ARG A 53 -21.97 -10.08 10.85
CA ARG A 53 -21.37 -9.10 11.77
C ARG A 53 -20.94 -7.80 11.07
N LEU A 54 -20.60 -7.89 9.79
CA LEU A 54 -20.33 -6.70 8.96
C LEU A 54 -21.57 -5.82 8.80
N THR A 55 -22.75 -6.42 8.91
CA THR A 55 -24.03 -5.72 8.79
C THR A 55 -24.94 -6.04 9.97
N TYR A 56 -24.39 -5.91 11.18
CA TYR A 56 -25.06 -6.36 12.40
C TYR A 56 -26.15 -5.38 12.82
N HIS A 57 -27.34 -5.90 13.17
CA HIS A 57 -28.51 -5.06 13.42
C HIS A 57 -28.43 -4.18 14.68
N MET A 58 -27.74 -4.66 15.71
CA MET A 58 -27.76 -4.00 17.03
C MET A 58 -26.96 -2.70 17.11
N TYR A 59 -25.85 -2.61 16.37
CA TYR A 59 -24.97 -1.44 16.44
C TYR A 59 -24.11 -1.28 15.19
N ALA A 60 -23.64 -0.05 14.94
CA ALA A 60 -22.65 0.23 13.90
C ALA A 60 -21.29 -0.28 14.36
N ASP A 61 -20.44 -0.65 13.41
CA ASP A 61 -19.10 -1.17 13.69
C ASP A 61 -18.11 -0.67 12.62
N PRO A 62 -17.69 0.61 12.71
CA PRO A 62 -16.81 1.20 11.68
C PRO A 62 -15.40 0.58 11.61
N ASN A 63 -14.86 0.15 12.74
CA ASN A 63 -13.54 -0.50 12.77
C ASN A 63 -13.55 -1.82 11.98
N PHE A 64 -14.58 -2.63 12.20
CA PHE A 64 -14.75 -3.89 11.48
C PHE A 64 -15.05 -3.68 9.99
N VAL A 65 -15.88 -2.68 9.67
CA VAL A 65 -16.22 -2.36 8.28
C VAL A 65 -14.98 -1.91 7.50
N ARG A 66 -14.19 -1.02 8.11
CA ARG A 66 -12.96 -0.53 7.52
C ARG A 66 -11.97 -1.68 7.28
N THR A 67 -11.73 -2.48 8.31
CA THR A 67 -10.79 -3.60 8.22
C THR A 67 -11.25 -4.67 7.23
N PHE A 68 -12.55 -4.96 7.22
CA PHE A 68 -13.12 -5.96 6.30
C PHE A 68 -12.92 -5.56 4.84
N LEU A 69 -13.30 -4.34 4.49
CA LEU A 69 -13.23 -3.88 3.10
C LEU A 69 -11.80 -3.65 2.61
N THR A 70 -10.86 -3.46 3.53
CA THR A 70 -9.42 -3.46 3.23
C THR A 70 -8.89 -4.87 2.94
N THR A 71 -9.35 -5.86 3.70
CA THR A 71 -8.73 -7.19 3.73
C THR A 71 -9.50 -8.34 3.06
N TYR A 72 -10.80 -8.14 2.75
CA TYR A 72 -11.69 -9.26 2.35
C TYR A 72 -11.24 -10.06 1.13
N ARG A 73 -10.46 -9.44 0.24
CA ARG A 73 -10.01 -10.10 -1.00
C ARG A 73 -9.07 -11.28 -0.73
N SER A 74 -8.47 -11.33 0.45
CA SER A 74 -7.68 -12.50 0.88
C SER A 74 -8.52 -13.76 1.16
N PHE A 75 -9.83 -13.61 1.35
CA PHE A 75 -10.75 -14.75 1.59
C PHE A 75 -12.09 -14.74 0.82
N CYS A 76 -12.31 -13.77 -0.06
CA CYS A 76 -13.60 -13.62 -0.73
C CYS A 76 -13.47 -12.69 -1.94
N LYS A 77 -13.91 -13.15 -3.11
CA LYS A 77 -13.85 -12.34 -4.34
C LYS A 77 -14.86 -11.18 -4.29
N PRO A 78 -14.54 -10.05 -4.96
CA PRO A 78 -15.49 -8.93 -5.07
C PRO A 78 -16.90 -9.33 -5.54
N GLN A 79 -16.98 -10.13 -6.60
CA GLN A 79 -18.26 -10.67 -7.11
C GLN A 79 -19.03 -11.44 -6.03
N GLU A 80 -18.32 -12.27 -5.27
CA GLU A 80 -18.90 -13.07 -4.21
C GLU A 80 -19.39 -12.20 -3.04
N LEU A 81 -18.61 -11.19 -2.66
CA LEU A 81 -18.99 -10.27 -1.58
C LEU A 81 -20.31 -9.55 -1.89
N LEU A 82 -20.45 -9.06 -3.12
CA LEU A 82 -21.68 -8.35 -3.54
C LEU A 82 -22.91 -9.28 -3.52
N SER A 83 -22.73 -10.53 -3.92
CA SER A 83 -23.81 -11.52 -3.84
C SER A 83 -24.22 -11.78 -2.39
N LEU A 84 -23.25 -11.86 -1.49
CA LEU A 84 -23.53 -12.11 -0.06
C LEU A 84 -24.26 -10.95 0.61
N ILE A 85 -23.82 -9.72 0.37
CA ILE A 85 -24.49 -8.55 0.98
C ILE A 85 -25.88 -8.27 0.39
N ILE A 86 -26.07 -8.60 -0.90
CA ILE A 86 -27.40 -8.55 -1.52
C ILE A 86 -28.31 -9.64 -0.94
N GLU A 87 -27.77 -10.84 -0.73
CA GLU A 87 -28.52 -11.93 -0.08
C GLU A 87 -28.90 -11.51 1.35
N ARG A 88 -27.91 -11.02 2.09
CA ARG A 88 -28.10 -10.43 3.43
C ARG A 88 -29.24 -9.41 3.48
N PHE A 89 -29.28 -8.52 2.48
CA PHE A 89 -30.31 -7.48 2.33
C PHE A 89 -31.72 -8.05 2.20
N GLU A 90 -31.87 -9.12 1.43
CA GLU A 90 -33.19 -9.70 1.11
C GLU A 90 -33.74 -10.55 2.27
N ILE A 91 -34.27 -9.87 3.29
CA ILE A 91 -34.76 -10.52 4.50
C ILE A 91 -36.24 -10.85 4.36
N PRO A 92 -36.63 -12.14 4.49
CA PRO A 92 -38.05 -12.48 4.41
C PRO A 92 -38.80 -12.08 5.68
N GLU A 93 -40.06 -11.71 5.53
CA GLU A 93 -40.90 -11.30 6.65
C GLU A 93 -41.66 -12.50 7.20
N PRO A 94 -41.94 -12.51 8.52
CA PRO A 94 -42.71 -13.62 9.09
C PRO A 94 -44.17 -13.59 8.64
N GLU A 95 -44.82 -14.75 8.70
CA GLU A 95 -46.24 -14.87 8.36
C GLU A 95 -47.10 -14.13 9.39
N PRO A 96 -48.30 -13.69 8.99
CA PRO A 96 -49.18 -13.04 9.96
C PRO A 96 -49.63 -14.01 11.07
N THR A 97 -49.94 -13.47 12.24
CA THR A 97 -50.47 -14.28 13.35
C THR A 97 -51.86 -14.82 12.95
N GLU A 98 -52.38 -15.74 13.75
CA GLU A 98 -53.68 -16.35 13.47
C GLU A 98 -54.80 -15.31 13.47
N ALA A 99 -54.80 -14.44 14.49
CA ALA A 99 -55.80 -13.37 14.60
C ALA A 99 -55.75 -12.40 13.42
N ASP A 100 -54.54 -12.03 12.99
CA ASP A 100 -54.36 -11.14 11.84
C ASP A 100 -54.67 -11.80 10.49
N ARG A 101 -54.44 -13.11 10.38
CA ARG A 101 -54.86 -13.88 9.21
C ARG A 101 -56.38 -13.78 9.01
N ILE A 102 -57.12 -13.86 10.12
CA ILE A 102 -58.59 -13.75 10.10
C ILE A 102 -59.03 -12.33 9.71
N ALA A 103 -58.33 -11.31 10.23
CA ALA A 103 -58.62 -9.92 9.87
C ALA A 103 -58.37 -9.62 8.39
N ILE A 104 -57.28 -10.18 7.85
CA ILE A 104 -56.96 -10.07 6.41
C ILE A 104 -58.01 -10.82 5.57
N GLU A 105 -58.48 -11.96 6.09
CA GLU A 105 -59.56 -12.73 5.45
C GLU A 105 -60.85 -11.92 5.26
N ASN A 106 -61.19 -11.08 6.25
CA ASN A 106 -62.39 -10.24 6.23
C ASN A 106 -62.23 -8.88 5.52
N GLY A 107 -61.06 -8.62 4.94
CA GLY A 107 -60.77 -7.34 4.29
C GLY A 107 -60.44 -6.20 5.24
N ASP A 108 -60.09 -6.54 6.49
CA ASP A 108 -59.73 -5.55 7.51
C ASP A 108 -58.22 -5.48 7.70
N GLN A 109 -57.76 -4.40 8.32
CA GLN A 109 -56.32 -4.16 8.49
C GLN A 109 -55.81 -4.97 9.69
N PRO A 110 -54.73 -5.75 9.49
CA PRO A 110 -54.16 -6.52 10.61
C PRO A 110 -53.39 -5.64 11.59
N LEU A 111 -53.26 -6.10 12.83
CA LEU A 111 -52.47 -5.39 13.84
C LEU A 111 -50.97 -5.41 13.49
N SER A 112 -50.45 -6.60 13.17
CA SER A 112 -49.06 -6.77 12.72
C SER A 112 -48.03 -6.20 13.70
N ALA A 113 -48.23 -6.49 14.99
CA ALA A 113 -47.40 -5.90 16.04
C ALA A 113 -45.95 -6.41 15.97
N GLU A 114 -45.79 -7.72 15.90
CA GLU A 114 -44.46 -8.34 15.79
C GLU A 114 -43.82 -8.09 14.43
N LEU A 115 -44.63 -8.12 13.36
CA LEU A 115 -44.14 -7.82 12.02
C LEU A 115 -43.54 -6.41 11.95
N LYS A 116 -44.27 -5.43 12.50
CA LYS A 116 -43.80 -4.04 12.56
C LYS A 116 -42.54 -3.87 13.42
N ARG A 117 -42.45 -4.63 14.52
CA ARG A 117 -41.26 -4.65 15.37
C ARG A 117 -40.05 -5.24 14.66
N PHE A 118 -40.27 -6.33 13.92
CA PHE A 118 -39.23 -7.01 13.15
C PHE A 118 -38.69 -6.11 12.03
N ARG A 119 -39.59 -5.42 11.33
CA ARG A 119 -39.21 -4.42 10.33
C ARG A 119 -38.40 -3.28 10.97
N LYS A 120 -38.89 -2.76 12.09
CA LYS A 120 -38.25 -1.67 12.82
C LYS A 120 -36.87 -2.03 13.37
N GLU A 121 -36.77 -3.14 14.08
CA GLU A 121 -35.59 -3.48 14.88
C GLU A 121 -34.61 -4.47 14.22
N TYR A 122 -35.01 -5.09 13.12
CA TYR A 122 -34.12 -6.03 12.40
C TYR A 122 -33.93 -5.70 10.93
N ILE A 123 -35.01 -5.67 10.15
CA ILE A 123 -34.90 -5.52 8.69
C ILE A 123 -34.31 -4.17 8.29
N GLN A 124 -34.89 -3.08 8.78
CA GLN A 124 -34.43 -1.73 8.41
C GLN A 124 -32.97 -1.46 8.84
N PRO A 125 -32.59 -1.82 10.09
CA PRO A 125 -31.17 -1.69 10.47
C PRO A 125 -30.18 -2.47 9.60
N VAL A 126 -30.47 -3.74 9.34
CA VAL A 126 -29.57 -4.59 8.51
C VAL A 126 -29.46 -4.02 7.09
N GLN A 127 -30.60 -3.67 6.51
CA GLN A 127 -30.64 -3.07 5.17
C GLN A 127 -29.84 -1.75 5.11
N LEU A 128 -29.94 -0.94 6.15
CA LEU A 128 -29.14 0.29 6.26
C LEU A 128 -27.65 -0.02 6.39
N ARG A 129 -27.30 -1.05 7.18
CA ARG A 129 -25.92 -1.51 7.28
C ARG A 129 -25.35 -2.03 5.95
N VAL A 130 -26.17 -2.75 5.18
CA VAL A 130 -25.75 -3.21 3.85
C VAL A 130 -25.42 -2.03 2.93
N LEU A 131 -26.26 -1.00 2.95
CA LEU A 131 -25.99 0.23 2.18
C LEU A 131 -24.80 1.03 2.72
N ASN A 132 -24.58 1.01 4.03
CA ASN A 132 -23.37 1.61 4.62
C ASN A 132 -22.09 0.92 4.12
N VAL A 133 -22.14 -0.40 4.03
CA VAL A 133 -21.06 -1.19 3.43
C VAL A 133 -20.88 -0.83 1.95
N CYS A 134 -21.98 -0.73 1.20
CA CYS A 134 -21.92 -0.33 -0.23
C CYS A 134 -21.28 1.04 -0.43
N ARG A 135 -21.62 2.00 0.43
CA ARG A 135 -21.06 3.35 0.36
C ARG A 135 -19.56 3.34 0.67
N HIS A 136 -19.17 2.68 1.77
CA HIS A 136 -17.77 2.52 2.15
C HIS A 136 -16.97 1.80 1.05
N TRP A 137 -17.59 0.82 0.40
CA TRP A 137 -16.98 0.08 -0.71
C TRP A 137 -16.63 1.00 -1.88
N VAL A 138 -17.63 1.73 -2.40
CA VAL A 138 -17.42 2.66 -3.53
C VAL A 138 -16.56 3.89 -3.17
N GLU A 139 -16.64 4.35 -1.92
CA GLU A 139 -15.88 5.51 -1.45
C GLU A 139 -14.39 5.23 -1.36
N HIS A 140 -14.02 4.16 -0.64
CA HIS A 140 -12.63 3.88 -0.30
C HIS A 140 -11.97 2.74 -1.08
N HIS A 141 -12.75 2.01 -1.89
CA HIS A 141 -12.20 0.90 -2.68
C HIS A 141 -12.82 0.84 -4.08
N PHE A 142 -12.93 2.01 -4.72
CA PHE A 142 -13.54 2.11 -6.06
C PHE A 142 -12.78 1.32 -7.14
N TYR A 143 -11.47 1.15 -6.94
CA TYR A 143 -10.64 0.32 -7.82
C TYR A 143 -11.17 -1.09 -8.12
N ASP A 144 -11.91 -1.69 -7.18
CA ASP A 144 -12.64 -2.95 -7.43
C ASP A 144 -13.59 -2.82 -8.62
N PHE A 145 -14.30 -1.70 -8.65
CA PHE A 145 -15.30 -1.41 -9.68
C PHE A 145 -14.68 -0.91 -10.99
N GLU A 146 -13.50 -0.29 -10.90
CA GLU A 146 -12.73 0.11 -12.09
C GLU A 146 -12.19 -1.12 -12.83
N ARG A 147 -11.66 -2.07 -12.06
CA ARG A 147 -11.11 -3.31 -12.63
C ARG A 147 -12.18 -4.28 -13.14
N ASP A 148 -13.39 -4.19 -12.59
CA ASP A 148 -14.50 -5.08 -12.96
C ASP A 148 -15.75 -4.23 -13.27
N ALA A 149 -15.96 -3.97 -14.56
CA ALA A 149 -17.11 -3.18 -15.03
C ALA A 149 -18.43 -3.88 -14.70
N TYR A 150 -18.46 -5.20 -14.87
CA TYR A 150 -19.63 -6.02 -14.53
C TYR A 150 -20.01 -5.90 -13.04
N LEU A 151 -19.02 -5.85 -12.16
CA LEU A 151 -19.25 -5.64 -10.72
C LEU A 151 -19.96 -4.30 -10.47
N LEU A 152 -19.55 -3.25 -11.19
CA LEU A 152 -20.19 -1.94 -11.07
C LEU A 152 -21.64 -1.96 -11.59
N GLN A 153 -21.79 -2.62 -12.71
CA GLN A 153 -23.23 -2.81 -13.25
CA GLN A 153 -23.11 -2.92 -13.19
C GLN A 153 -24.27 -3.52 -12.24
N ARG A 154 -23.68 -4.50 -11.55
CA ARG A 154 -24.45 -5.18 -10.52
C ARG A 154 -24.77 -4.26 -9.34
N MET A 155 -23.78 -3.48 -8.90
CA MET A 155 -23.94 -2.56 -7.78
C MET A 155 -24.99 -1.49 -8.09
N GLU A 156 -24.86 -0.86 -9.26
CA GLU A 156 -25.77 0.20 -9.67
C GLU A 156 -27.20 -0.31 -9.94
N GLU A 157 -27.33 -1.56 -10.40
CA GLU A 157 -28.65 -2.20 -10.56
C GLU A 157 -29.27 -2.47 -9.19
N PHE A 158 -28.48 -2.97 -8.25
CA PHE A 158 -28.95 -3.21 -6.88
C PHE A 158 -29.39 -1.91 -6.21
N ILE A 159 -28.48 -0.94 -6.18
CA ILE A 159 -28.73 0.37 -5.55
C ILE A 159 -29.90 1.10 -6.23
N GLY A 160 -30.00 0.97 -7.55
CA GLY A 160 -31.07 1.60 -8.33
C GLY A 160 -32.48 1.03 -8.13
N THR A 161 -32.58 -0.20 -7.62
CA THR A 161 -33.88 -0.84 -7.35
C THR A 161 -34.22 -0.93 -5.84
N VAL A 162 -33.45 -0.27 -4.98
CA VAL A 162 -33.79 -0.15 -3.56
C VAL A 162 -34.95 0.83 -3.41
N ARG A 163 -35.96 0.46 -2.62
CA ARG A 163 -37.16 1.29 -2.44
C ARG A 163 -37.43 1.53 -0.95
N GLY A 164 -37.82 2.75 -0.60
CA GLY A 164 -38.16 3.10 0.78
C GLY A 164 -37.92 4.56 1.14
N LYS A 165 -38.55 5.00 2.22
CA LYS A 165 -38.37 6.36 2.76
C LYS A 165 -36.97 6.52 3.35
N ALA A 166 -36.60 5.60 4.25
CA ALA A 166 -35.29 5.64 4.92
C ALA A 166 -34.10 5.28 4.01
N MET A 167 -34.39 4.70 2.84
CA MET A 167 -33.35 4.25 1.90
C MET A 167 -32.96 5.30 0.85
N LYS A 168 -33.82 6.30 0.64
CA LYS A 168 -33.63 7.31 -0.41
C LYS A 168 -32.32 8.10 -0.26
N LYS A 169 -32.02 8.53 0.97
CA LYS A 169 -30.84 9.34 1.24
C LYS A 169 -29.54 8.57 1.03
N TRP A 170 -29.52 7.31 1.46
CA TRP A 170 -28.37 6.42 1.24
C TRP A 170 -28.13 6.09 -0.23
N VAL A 171 -29.20 5.82 -0.97
CA VAL A 171 -29.11 5.56 -2.42
C VAL A 171 -28.51 6.77 -3.15
N GLU A 172 -28.95 7.97 -2.81
CA GLU A 172 -28.46 9.22 -3.44
C GLU A 172 -26.99 9.51 -3.13
N SER A 173 -26.59 9.31 -1.88
CA SER A 173 -25.19 9.52 -1.48
C SER A 173 -24.23 8.50 -2.13
N ILE A 174 -24.69 7.26 -2.26
CA ILE A 174 -23.94 6.21 -2.97
C ILE A 174 -23.84 6.54 -4.46
N THR A 175 -24.97 6.94 -5.05
CA THR A 175 -25.00 7.36 -6.46
C THR A 175 -24.13 8.61 -6.71
N LYS A 176 -24.11 9.54 -5.75
CA LYS A 176 -23.28 10.74 -5.85
C LYS A 176 -21.78 10.42 -5.82
N ILE A 177 -21.38 9.50 -4.93
CA ILE A 177 -19.98 9.08 -4.82
C ILE A 177 -19.53 8.33 -6.08
N ILE A 178 -20.38 7.44 -6.59
CA ILE A 178 -20.10 6.71 -7.85
C ILE A 178 -19.85 7.67 -9.02
N GLN A 179 -20.63 8.75 -9.09
CA GLN A 179 -20.44 9.78 -10.12
C GLN A 179 -19.09 10.51 -9.99
N ARG A 180 -18.74 10.94 -8.77
CA ARG A 180 -17.47 11.64 -8.52
C ARG A 180 -16.26 10.81 -8.93
N LYS A 181 -16.29 9.51 -8.62
CA LYS A 181 -15.19 8.60 -8.93
C LYS A 181 -15.01 8.38 -10.45
N LYS A 182 -16.11 8.48 -11.20
CA LYS A 182 -16.04 8.48 -12.67
C LYS A 182 -15.48 9.79 -13.21
N ILE A 183 -15.88 10.92 -12.63
CA ILE A 183 -15.37 12.25 -13.01
C ILE A 183 -13.85 12.37 -12.77
N ALA A 184 -13.38 11.86 -11.63
CA ALA A 184 -11.95 11.84 -11.31
C ALA A 184 -11.15 10.92 -12.25
N ARG A 185 -11.79 9.83 -12.70
CA ARG A 185 -11.19 8.90 -13.66
C ARG A 185 -11.04 9.49 -15.06
N ASP A 186 -11.96 10.36 -15.46
CA ASP A 186 -11.90 11.05 -16.75
C ASP A 186 -12.56 12.43 -16.66
N PHE A 195 1.07 24.35 -3.92
CA PHE A 195 2.02 24.59 -2.84
C PHE A 195 1.38 25.36 -1.69
N GLN A 196 2.13 25.47 -0.59
CA GLN A 196 1.73 26.28 0.58
C GLN A 196 2.63 27.50 0.69
N SER A 197 3.93 27.26 0.81
CA SER A 197 4.96 28.32 0.85
C SER A 197 5.73 28.35 -0.48
N SER A 198 6.70 29.26 -0.58
CA SER A 198 7.53 29.39 -1.78
C SER A 198 8.57 28.28 -1.87
N PRO A 199 8.55 27.48 -2.96
CA PRO A 199 9.55 26.43 -3.12
C PRO A 199 10.91 26.99 -3.57
N PRO A 200 12.00 26.27 -3.29
CA PRO A 200 13.34 26.77 -3.64
C PRO A 200 13.61 26.73 -5.14
N THR A 201 14.66 27.45 -5.55
CA THR A 201 15.03 27.53 -6.95
C THR A 201 15.57 26.18 -7.43
N VAL A 202 15.22 25.80 -8.65
CA VAL A 202 15.68 24.55 -9.24
C VAL A 202 17.19 24.69 -9.52
N GLU A 203 17.98 23.77 -8.94
CA GLU A 203 19.46 23.83 -9.01
C GLU A 203 19.97 23.10 -10.24
N TRP A 204 20.92 23.73 -10.93
CA TRP A 204 21.59 23.15 -12.10
C TRP A 204 23.10 23.17 -11.90
N HIS A 205 23.81 22.31 -12.64
CA HIS A 205 25.26 22.14 -12.48
C HIS A 205 25.98 22.22 -13.83
N ILE A 206 26.10 21.10 -14.57
CA ILE A 206 26.76 21.08 -15.89
C ILE A 206 25.70 21.09 -16.99
N SER A 207 24.76 20.16 -16.93
CA SER A 207 23.66 20.09 -17.90
C SER A 207 22.80 21.36 -17.82
N ARG A 208 22.48 21.92 -18.98
CA ARG A 208 21.59 23.10 -19.06
C ARG A 208 20.13 22.65 -19.12
N PRO A 209 19.19 23.52 -18.69
CA PRO A 209 17.76 23.27 -18.85
C PRO A 209 17.38 22.96 -20.29
N GLY A 210 16.75 21.80 -20.52
CA GLY A 210 16.37 21.35 -21.86
C GLY A 210 17.35 20.41 -22.54
N HIS A 211 18.63 20.47 -22.17
CA HIS A 211 19.66 19.62 -22.78
C HIS A 211 19.62 18.20 -22.19
N ILE A 212 18.58 17.46 -22.56
CA ILE A 212 18.30 16.13 -21.97
C ILE A 212 19.31 15.03 -22.34
N GLU A 213 20.07 15.23 -23.41
CA GLU A 213 21.09 14.26 -23.85
C GLU A 213 22.25 14.20 -22.85
N THR A 214 22.56 15.34 -22.24
CA THR A 214 23.67 15.46 -21.29
C THR A 214 23.33 15.05 -19.85
N PHE A 215 22.04 14.85 -19.56
CA PHE A 215 21.58 14.48 -18.21
C PHE A 215 22.22 13.17 -17.77
N ASP A 216 22.90 13.20 -16.63
CA ASP A 216 23.56 12.01 -16.06
C ASP A 216 23.85 12.23 -14.57
N LEU A 217 24.38 11.21 -13.89
CA LEU A 217 24.64 11.27 -12.45
C LEU A 217 25.48 12.49 -12.05
N LEU A 218 26.60 12.67 -12.75
CA LEU A 218 27.57 13.73 -12.42
C LEU A 218 27.28 15.09 -13.06
N THR A 219 26.44 15.12 -14.09
CA THR A 219 26.16 16.35 -14.84
C THR A 219 25.00 17.17 -14.27
N LEU A 220 23.95 16.50 -13.79
CA LEU A 220 22.89 17.17 -13.03
C LEU A 220 23.40 17.59 -11.65
N HIS A 221 22.68 18.48 -10.98
CA HIS A 221 23.09 18.95 -9.65
C HIS A 221 22.63 17.93 -8.60
N PRO A 222 23.50 17.53 -7.66
CA PRO A 222 23.13 16.47 -6.69
C PRO A 222 21.92 16.79 -5.81
N ILE A 223 21.82 18.05 -5.36
CA ILE A 223 20.61 18.55 -4.67
C ILE A 223 19.34 18.28 -5.50
N GLU A 224 19.39 18.62 -6.79
CA GLU A 224 18.21 18.50 -7.65
C GLU A 224 17.85 17.04 -7.96
N ILE A 225 18.87 16.18 -8.07
CA ILE A 225 18.65 14.73 -8.21
C ILE A 225 17.85 14.21 -7.00
N ALA A 226 18.27 14.61 -5.81
CA ALA A 226 17.60 14.21 -4.57
C ALA A 226 16.17 14.72 -4.49
N ARG A 227 15.96 16.00 -4.83
CA ARG A 227 14.63 16.62 -4.83
C ARG A 227 13.66 15.90 -5.79
N GLN A 228 14.09 15.73 -7.04
CA GLN A 228 13.24 15.13 -8.07
C GLN A 228 12.95 13.64 -7.81
N LEU A 229 13.95 12.93 -7.28
CA LEU A 229 13.72 11.55 -6.82
C LEU A 229 12.77 11.48 -5.61
N THR A 230 12.91 12.43 -4.68
CA THR A 230 12.01 12.52 -3.52
C THR A 230 10.56 12.79 -3.94
N LEU A 231 10.36 13.72 -4.88
CA LEU A 231 9.04 13.98 -5.47
C LEU A 231 8.48 12.76 -6.19
N LEU A 232 9.33 12.06 -6.95
CA LEU A 232 8.94 10.85 -7.68
C LEU A 232 8.54 9.75 -6.68
N GLU A 233 9.40 9.52 -5.69
CA GLU A 233 9.14 8.48 -4.68
C GLU A 233 8.01 8.81 -3.73
N SER A 234 7.75 10.10 -3.48
CA SER A 234 6.59 10.52 -2.71
C SER A 234 5.29 10.19 -3.43
N ASP A 235 5.22 10.52 -4.72
CA ASP A 235 4.04 10.19 -5.54
C ASP A 235 3.79 8.68 -5.59
N LEU A 236 4.86 7.90 -5.74
CA LEU A 236 4.75 6.43 -5.73
C LEU A 236 4.32 5.89 -4.35
N TYR A 237 4.86 6.46 -3.28
CA TYR A 237 4.47 6.08 -1.92
C TYR A 237 2.97 6.29 -1.66
N ARG A 238 2.48 7.46 -2.03
CA ARG A 238 1.09 7.87 -1.77
C ARG A 238 0.05 7.11 -2.61
N ALA A 239 0.44 6.60 -3.77
CA ALA A 239 -0.47 5.85 -4.65
C ALA A 239 -0.76 4.40 -4.23
N VAL A 240 0.01 3.86 -3.28
CA VAL A 240 -0.18 2.47 -2.85
C VAL A 240 -1.37 2.35 -1.89
N GLN A 241 -2.36 1.56 -2.30
CA GLN A 241 -3.52 1.25 -1.46
C GLN A 241 -3.23 0.03 -0.56
N PRO A 242 -3.80 0.01 0.66
CA PRO A 242 -3.64 -1.13 1.59
C PRO A 242 -3.90 -2.52 1.01
N SER A 243 -4.95 -2.66 0.21
CA SER A 243 -5.32 -3.97 -0.38
C SER A 243 -4.25 -4.56 -1.30
N GLU A 244 -3.39 -3.72 -1.86
CA GLU A 244 -2.30 -4.16 -2.72
C GLU A 244 -1.24 -5.00 -1.97
N LEU A 245 -1.21 -4.85 -0.64
CA LEU A 245 -0.31 -5.61 0.24
C LEU A 245 -0.96 -6.82 0.92
N VAL A 246 -2.29 -6.85 1.02
CA VAL A 246 -3.00 -7.89 1.78
C VAL A 246 -2.96 -9.23 1.05
N GLY A 247 -2.74 -10.30 1.81
CA GLY A 247 -2.65 -11.66 1.27
C GLY A 247 -1.44 -11.94 0.39
N SER A 248 -0.41 -11.09 0.49
CA SER A 248 0.77 -11.14 -0.37
C SER A 248 0.43 -11.18 -1.88
N VAL A 249 -0.60 -10.44 -2.28
CA VAL A 249 -1.09 -10.47 -3.67
C VAL A 249 -0.11 -9.91 -4.71
N TRP A 250 0.85 -9.09 -4.26
CA TRP A 250 1.94 -8.62 -5.15
C TRP A 250 2.91 -9.74 -5.58
N THR A 251 2.93 -10.85 -4.85
CA THR A 251 3.74 -12.03 -5.19
C THR A 251 2.98 -13.17 -5.89
N LYS A 252 1.66 -13.02 -6.05
CA LYS A 252 0.82 -14.03 -6.72
C LYS A 252 0.73 -13.75 -8.22
N GLU A 253 0.05 -14.61 -8.97
CA GLU A 253 0.02 -14.52 -10.45
C GLU A 253 -0.75 -13.31 -11.00
N ASP A 254 -1.75 -12.82 -10.26
CA ASP A 254 -2.50 -11.61 -10.66
C ASP A 254 -1.96 -10.31 -10.04
N LYS A 255 -0.65 -10.28 -9.76
CA LYS A 255 0.02 -9.11 -9.14
C LYS A 255 -0.15 -7.79 -9.89
N GLU A 256 -0.18 -7.86 -11.22
CA GLU A 256 -0.22 -6.66 -12.07
C GLU A 256 -1.54 -5.90 -11.94
N ILE A 257 -2.64 -6.64 -11.89
CA ILE A 257 -3.96 -6.04 -11.70
C ILE A 257 -4.19 -5.66 -10.23
N ASN A 258 -3.79 -6.54 -9.31
CA ASN A 258 -4.06 -6.35 -7.87
C ASN A 258 -3.15 -5.37 -7.14
N SER A 259 -1.89 -5.27 -7.58
CA SER A 259 -0.89 -4.45 -6.87
C SER A 259 -0.05 -3.57 -7.80
N PRO A 260 -0.71 -2.80 -8.70
CA PRO A 260 0.05 -2.04 -9.70
C PRO A 260 0.92 -0.92 -9.13
N ASN A 261 0.43 -0.24 -8.08
CA ASN A 261 1.16 0.89 -7.50
C ASN A 261 2.35 0.41 -6.67
N LEU A 262 2.14 -0.66 -5.89
CA LEU A 262 3.22 -1.31 -5.15
C LEU A 262 4.32 -1.82 -6.09
N LEU A 263 3.93 -2.52 -7.16
CA LEU A 263 4.89 -3.05 -8.13
C LEU A 263 5.71 -1.95 -8.80
N LYS A 264 5.09 -0.82 -9.06
CA LYS A 264 5.77 0.35 -9.63
C LYS A 264 6.84 0.88 -8.65
N MET A 265 6.49 0.99 -7.38
CA MET A 265 7.43 1.43 -6.33
C MET A 265 8.62 0.49 -6.19
N ILE A 266 8.35 -0.82 -6.17
CA ILE A 266 9.41 -1.84 -6.08
C ILE A 266 10.34 -1.78 -7.30
N ARG A 267 9.77 -1.66 -8.49
CA ARG A 267 10.56 -1.58 -9.73
CA ARG A 267 10.58 -1.60 -9.72
C ARG A 267 11.42 -0.34 -9.81
N HIS A 268 10.92 0.78 -9.27
CA HIS A 268 11.71 2.02 -9.17
C HIS A 268 12.92 1.81 -8.26
N THR A 269 12.69 1.25 -7.08
CA THR A 269 13.75 0.96 -6.10
C THR A 269 14.82 0.07 -6.70
N THR A 270 14.39 -1.02 -7.34
CA THR A 270 15.31 -1.92 -8.04
C THR A 270 16.08 -1.17 -9.13
N ASN A 271 15.37 -0.39 -9.94
CA ASN A 271 16.01 0.35 -11.05
C ASN A 271 17.01 1.42 -10.61
N LEU A 272 16.65 2.20 -9.59
CA LEU A 272 17.54 3.24 -9.06
C LEU A 272 18.77 2.62 -8.38
N THR A 273 18.54 1.62 -7.55
CA THR A 273 19.61 0.96 -6.79
C THR A 273 20.65 0.32 -7.73
N LEU A 274 20.17 -0.40 -8.75
CA LEU A 274 21.05 -1.02 -9.74
C LEU A 274 21.72 0.02 -10.65
N TRP A 275 21.04 1.13 -10.90
CA TRP A 275 21.62 2.27 -11.63
C TRP A 275 22.81 2.87 -10.87
N PHE A 276 22.65 3.08 -9.55
CA PHE A 276 23.77 3.54 -8.73
C PHE A 276 24.94 2.58 -8.80
N GLU A 277 24.66 1.28 -8.66
CA GLU A 277 25.70 0.24 -8.76
C GLU A 277 26.38 0.24 -10.13
N LYS A 278 25.58 0.36 -11.19
CA LYS A 278 26.08 0.42 -12.56
C LYS A 278 26.99 1.65 -12.78
N CYS A 279 26.52 2.81 -12.34
CA CYS A 279 27.32 4.04 -12.39
C CYS A 279 28.69 3.89 -11.73
N ILE A 280 28.70 3.29 -10.54
CA ILE A 280 29.93 3.10 -9.78
C ILE A 280 30.89 2.16 -10.50
N VAL A 281 30.44 0.95 -10.77
CA VAL A 281 31.33 -0.12 -11.22
C VAL A 281 31.70 -0.08 -12.71
N GLU A 282 30.93 0.64 -13.52
CA GLU A 282 31.30 0.91 -14.92
C GLU A 282 32.21 2.14 -15.08
N THR A 283 32.44 2.87 -13.98
CA THR A 283 33.50 3.88 -13.91
C THR A 283 34.76 3.14 -13.46
N GLU A 284 35.58 2.76 -14.45
CA GLU A 284 36.74 1.88 -14.19
CA GLU A 284 36.74 1.89 -14.20
C GLU A 284 37.94 2.62 -13.63
N ASN A 285 38.09 3.91 -13.96
CA ASN A 285 39.15 4.74 -13.38
C ASN A 285 38.87 4.91 -11.88
N LEU A 286 39.91 4.73 -11.06
CA LEU A 286 39.77 4.81 -9.60
C LEU A 286 39.28 6.18 -9.15
N GLU A 287 39.93 7.23 -9.63
CA GLU A 287 39.67 8.61 -9.20
C GLU A 287 38.28 9.07 -9.61
N GLU A 288 37.87 8.73 -10.83
CA GLU A 288 36.52 9.00 -11.30
C GLU A 288 35.46 8.23 -10.51
N ARG A 289 35.74 6.98 -10.19
CA ARG A 289 34.84 6.14 -9.40
C ARG A 289 34.67 6.68 -7.97
N VAL A 290 35.75 7.22 -7.39
CA VAL A 290 35.66 7.93 -6.11
C VAL A 290 34.70 9.11 -6.21
N ALA A 291 34.81 9.88 -7.29
CA ALA A 291 33.90 11.01 -7.52
C ALA A 291 32.44 10.57 -7.65
N VAL A 292 32.21 9.47 -8.37
CA VAL A 292 30.86 8.90 -8.53
C VAL A 292 30.28 8.49 -7.17
N VAL A 293 31.04 7.71 -6.42
CA VAL A 293 30.60 7.24 -5.09
C VAL A 293 30.37 8.44 -4.15
N SER A 294 31.30 9.39 -4.14
CA SER A 294 31.15 10.62 -3.35
C SER A 294 29.88 11.40 -3.69
N ARG A 295 29.54 11.47 -4.98
CA ARG A 295 28.32 12.18 -5.43
C ARG A 295 27.04 11.47 -5.00
N ILE A 296 27.06 10.15 -5.01
CA ILE A 296 25.91 9.35 -4.55
C ILE A 296 25.72 9.50 -3.04
N ILE A 297 26.82 9.61 -2.29
CA ILE A 297 26.76 9.90 -0.85
C ILE A 297 26.15 11.29 -0.62
N GLU A 298 26.52 12.27 -1.44
CA GLU A 298 25.91 13.60 -1.37
C GLU A 298 24.41 13.58 -1.63
N ILE A 299 23.98 12.78 -2.61
CA ILE A 299 22.55 12.57 -2.87
C ILE A 299 21.85 11.98 -1.63
N LEU A 300 22.49 11.03 -0.95
CA LEU A 300 21.98 10.51 0.32
C LEU A 300 21.81 11.58 1.39
N GLN A 301 22.79 12.48 1.51
CA GLN A 301 22.76 13.57 2.51
CA GLN A 301 22.71 13.51 2.56
C GLN A 301 21.57 14.51 2.28
N VAL A 302 21.25 14.76 1.01
CA VAL A 302 20.11 15.61 0.67
C VAL A 302 18.79 14.84 0.85
N PHE A 303 18.79 13.53 0.56
CA PHE A 303 17.67 12.66 0.94
C PHE A 303 17.42 12.78 2.45
N GLN A 304 18.49 12.71 3.25
CA GLN A 304 18.40 12.89 4.71
C GLN A 304 17.84 14.26 5.10
N GLU A 305 18.31 15.32 4.44
CA GLU A 305 17.77 16.68 4.66
C GLU A 305 16.26 16.76 4.42
N LEU A 306 15.80 16.09 3.37
CA LEU A 306 14.37 16.05 3.00
C LEU A 306 13.55 14.99 3.76
N ASN A 307 14.19 14.23 4.66
CA ASN A 307 13.57 13.07 5.33
C ASN A 307 12.99 12.04 4.32
N ASN A 308 13.69 11.86 3.20
CA ASN A 308 13.38 10.77 2.28
C ASN A 308 14.18 9.55 2.73
N PHE A 309 13.63 8.81 3.67
CA PHE A 309 14.27 7.60 4.20
C PHE A 309 14.27 6.46 3.19
N ASN A 310 13.25 6.41 2.33
CA ASN A 310 13.24 5.49 1.19
C ASN A 310 14.51 5.65 0.36
N GLY A 311 14.76 6.90 -0.04
CA GLY A 311 15.95 7.29 -0.78
C GLY A 311 17.27 6.99 -0.09
N VAL A 312 17.36 7.36 1.18
CA VAL A 312 18.55 7.08 2.00
C VAL A 312 18.91 5.60 1.94
N LEU A 313 17.93 4.74 2.21
CA LEU A 313 18.14 3.30 2.27
C LEU A 313 18.30 2.65 0.87
N GLU A 314 17.85 3.34 -0.18
CA GLU A 314 18.20 2.96 -1.57
C GLU A 314 19.70 3.13 -1.82
N VAL A 315 20.29 4.21 -1.30
CA VAL A 315 21.73 4.44 -1.42
C VAL A 315 22.51 3.44 -0.56
N VAL A 316 22.04 3.21 0.67
CA VAL A 316 22.64 2.22 1.56
C VAL A 316 22.62 0.83 0.91
N SER A 317 21.49 0.48 0.28
CA SER A 317 21.36 -0.78 -0.46
C SER A 317 22.40 -0.89 -1.59
N ALA A 318 22.57 0.20 -2.35
CA ALA A 318 23.56 0.24 -3.43
C ALA A 318 25.01 0.15 -2.93
N MET A 319 25.30 0.82 -1.82
CA MET A 319 26.63 0.82 -1.22
C MET A 319 26.97 -0.51 -0.51
N ASN A 320 25.95 -1.18 0.02
CA ASN A 320 26.13 -2.50 0.64
C ASN A 320 26.09 -3.69 -0.31
N SER A 321 25.69 -3.48 -1.56
CA SER A 321 25.62 -4.57 -2.54
C SER A 321 26.98 -5.22 -2.78
N SER A 322 26.96 -6.45 -3.26
CA SER A 322 28.18 -7.25 -3.47
C SER A 322 29.22 -6.62 -4.40
N PRO A 323 28.80 -5.96 -5.51
CA PRO A 323 29.77 -5.30 -6.38
C PRO A 323 30.43 -4.04 -5.81
N VAL A 324 29.71 -3.27 -4.99
CA VAL A 324 30.19 -1.97 -4.50
C VAL A 324 30.90 -2.08 -3.15
N TYR A 325 30.30 -2.83 -2.22
CA TYR A 325 30.82 -2.93 -0.84
C TYR A 325 32.29 -3.40 -0.77
N ARG A 326 32.68 -4.28 -1.68
CA ARG A 326 34.05 -4.81 -1.72
C ARG A 326 35.12 -3.86 -2.27
N LEU A 327 34.73 -2.68 -2.77
CA LEU A 327 35.66 -1.77 -3.42
C LEU A 327 36.48 -0.98 -2.39
N ASP A 328 37.44 -1.66 -1.77
CA ASP A 328 38.27 -1.09 -0.69
C ASP A 328 39.08 0.12 -1.13
N HIS A 329 39.60 0.10 -2.35
CA HIS A 329 40.44 1.19 -2.85
C HIS A 329 39.63 2.48 -3.11
N THR A 330 38.37 2.31 -3.49
CA THR A 330 37.49 3.45 -3.73
C THR A 330 37.11 4.15 -2.41
N PHE A 331 36.61 3.37 -1.46
CA PHE A 331 36.24 3.91 -0.14
C PHE A 331 37.43 4.41 0.69
N GLU A 332 38.63 3.93 0.39
CA GLU A 332 39.86 4.47 0.99
C GLU A 332 40.02 5.97 0.76
N GLN A 333 39.68 6.44 -0.44
CA GLN A 333 39.80 7.85 -0.82
C GLN A 333 38.58 8.73 -0.50
N ILE A 334 37.46 8.11 -0.08
CA ILE A 334 36.27 8.86 0.31
C ILE A 334 36.56 9.64 1.61
N PRO A 335 36.14 10.92 1.69
CA PRO A 335 36.36 11.68 2.93
C PRO A 335 35.74 11.03 4.17
N SER A 336 36.45 11.11 5.30
CA SER A 336 36.00 10.53 6.58
C SER A 336 34.58 10.95 6.98
N ARG A 337 34.24 12.20 6.70
CA ARG A 337 32.91 12.74 7.00
C ARG A 337 31.81 12.03 6.19
N GLN A 338 32.09 11.75 4.92
CA GLN A 338 31.16 11.00 4.08
C GLN A 338 31.00 9.55 4.54
N LYS A 339 32.12 8.92 4.90
CA LYS A 339 32.10 7.56 5.46
C LYS A 339 31.25 7.48 6.74
N LYS A 340 31.38 8.49 7.61
CA LYS A 340 30.60 8.57 8.84
C LYS A 340 29.10 8.64 8.56
N ILE A 341 28.72 9.44 7.57
CA ILE A 341 27.33 9.55 7.11
C ILE A 341 26.80 8.22 6.56
N LEU A 342 27.65 7.50 5.82
CA LEU A 342 27.31 6.18 5.29
CA LEU A 342 27.30 6.19 5.28
C LEU A 342 27.09 5.18 6.42
N GLU A 343 28.01 5.18 7.39
CA GLU A 343 27.93 4.30 8.56
C GLU A 343 26.69 4.54 9.40
N GLU A 344 26.33 5.81 9.62
CA GLU A 344 25.11 6.15 10.34
C GLU A 344 23.84 5.77 9.57
N ALA A 345 23.88 5.91 8.25
CA ALA A 345 22.77 5.46 7.40
C ALA A 345 22.57 3.95 7.53
N HIS A 346 23.65 3.17 7.49
CA HIS A 346 23.58 1.71 7.69
C HIS A 346 22.97 1.33 9.03
N GLU A 347 23.44 1.99 10.09
CA GLU A 347 22.98 1.71 11.46
C GLU A 347 21.49 1.96 11.71
N LEU A 348 20.84 2.73 10.83
CA LEU A 348 19.37 2.83 10.83
C LEU A 348 18.66 1.47 10.70
N SER A 349 19.27 0.54 9.96
CA SER A 349 18.70 -0.80 9.72
C SER A 349 19.01 -1.86 10.78
N GLU A 350 20.06 -1.63 11.59
CA GLU A 350 20.49 -2.60 12.60
C GLU A 350 19.44 -2.82 13.69
N ASP A 351 19.46 -4.00 14.30
CA ASP A 351 18.52 -4.39 15.36
C ASP A 351 17.06 -4.21 14.94
N HIS A 352 16.71 -4.79 13.79
CA HIS A 352 15.35 -4.73 13.24
C HIS A 352 14.86 -3.28 13.05
N TYR A 353 15.70 -2.46 12.42
CA TYR A 353 15.39 -1.07 12.07
C TYR A 353 15.05 -0.16 13.27
N LYS A 354 15.72 -0.38 14.40
CA LYS A 354 15.41 0.35 15.65
C LYS A 354 15.61 1.86 15.53
N LYS A 355 16.79 2.28 15.07
CA LYS A 355 17.11 3.70 14.93
C LYS A 355 16.27 4.37 13.84
N TYR A 356 16.04 3.66 12.73
CA TYR A 356 15.13 4.15 11.68
C TYR A 356 13.75 4.49 12.24
N LEU A 357 13.15 3.56 12.97
CA LEU A 357 11.83 3.76 13.56
C LEU A 357 11.84 4.91 14.58
N ALA A 358 12.89 5.02 15.39
CA ALA A 358 13.05 6.15 16.31
C ALA A 358 13.13 7.47 15.54
N LYS A 359 13.89 7.48 14.45
CA LYS A 359 14.03 8.66 13.60
C LYS A 359 12.70 9.01 12.91
N LEU A 360 12.04 8.00 12.35
CA LEU A 360 10.73 8.16 11.69
C LEU A 360 9.67 8.79 12.61
N ARG A 361 9.65 8.37 13.88
CA ARG A 361 8.72 8.94 14.87
C ARG A 361 9.07 10.39 15.25
N SER A 362 10.36 10.70 15.35
CA SER A 362 10.81 11.99 15.89
C SER A 362 10.70 13.20 14.93
N ILE A 363 10.91 13.01 13.63
CA ILE A 363 10.96 14.15 12.69
C ILE A 363 9.57 14.73 12.36
N ASN A 364 9.59 15.91 11.75
CA ASN A 364 8.37 16.60 11.29
C ASN A 364 8.13 16.36 9.81
N PRO A 365 6.87 16.45 9.36
CA PRO A 365 6.58 16.28 7.93
C PRO A 365 7.11 17.46 7.07
N PRO A 366 7.28 17.26 5.76
CA PRO A 366 6.98 16.02 5.05
C PRO A 366 8.14 15.02 5.05
N CYS A 367 7.81 13.75 4.83
CA CYS A 367 8.79 12.68 4.71
C CYS A 367 8.33 11.63 3.68
N VAL A 368 9.25 10.74 3.31
CA VAL A 368 8.91 9.54 2.54
C VAL A 368 9.47 8.34 3.32
N PRO A 369 8.59 7.55 3.97
CA PRO A 369 9.08 6.38 4.71
C PRO A 369 9.73 5.31 3.83
N PHE A 370 10.67 4.58 4.43
CA PHE A 370 11.24 3.38 3.80
C PHE A 370 10.12 2.36 3.63
N PHE A 371 9.84 1.98 2.39
CA PHE A 371 8.72 1.10 2.09
C PHE A 371 9.01 -0.37 2.35
N GLY A 372 10.26 -0.78 2.09
CA GLY A 372 10.69 -2.17 2.22
C GLY A 372 10.33 -2.86 3.52
N ILE A 373 10.44 -2.12 4.64
CA ILE A 373 10.11 -2.65 5.97
C ILE A 373 8.65 -3.11 6.09
N TYR A 374 7.72 -2.42 5.43
CA TYR A 374 6.31 -2.81 5.42
C TYR A 374 6.08 -4.13 4.69
N LEU A 375 6.79 -4.31 3.57
CA LEU A 375 6.71 -5.58 2.81
C LEU A 375 7.31 -6.76 3.57
N THR A 376 8.40 -6.52 4.31
CA THR A 376 9.01 -7.54 5.17
C THR A 376 8.05 -8.00 6.26
N ASN A 377 7.53 -7.05 7.04
CA ASN A 377 6.65 -7.36 8.17
C ASN A 377 5.31 -7.95 7.76
N ILE A 378 4.79 -7.52 6.62
CA ILE A 378 3.56 -8.11 6.06
C ILE A 378 3.81 -9.57 5.65
N LEU A 379 4.92 -9.81 4.96
CA LEU A 379 5.28 -11.19 4.55
C LEU A 379 5.42 -12.13 5.75
N LYS A 380 6.06 -11.66 6.81
CA LYS A 380 6.19 -12.43 8.05
C LYS A 380 4.84 -12.68 8.73
N THR A 381 3.96 -11.68 8.71
CA THR A 381 2.61 -11.83 9.24
C THR A 381 1.78 -12.81 8.41
N GLU A 382 1.85 -12.67 7.09
CA GLU A 382 1.16 -13.60 6.17
C GLU A 382 1.66 -15.03 6.30
N GLU A 383 2.98 -15.22 6.30
CA GLU A 383 3.60 -16.54 6.40
C GLU A 383 3.52 -17.15 7.79
N GLY A 384 3.55 -16.31 8.83
CA GLY A 384 3.60 -16.77 10.22
C GLY A 384 2.28 -17.10 10.90
N ASN A 385 1.15 -16.72 10.29
CA ASN A 385 -0.17 -17.01 10.85
C ASN A 385 -0.99 -17.84 9.88
N PRO A 386 -1.83 -18.76 10.39
CA PRO A 386 -2.61 -19.62 9.49
C PRO A 386 -3.80 -18.89 8.87
N GLU A 387 -4.13 -19.27 7.64
CA GLU A 387 -5.28 -18.71 6.91
C GLU A 387 -6.60 -19.00 7.63
N VAL A 388 -6.71 -20.19 8.23
CA VAL A 388 -7.93 -20.62 8.90
C VAL A 388 -7.64 -21.18 10.29
N LEU A 389 -8.62 -21.01 11.18
CA LEU A 389 -8.63 -21.63 12.50
C LEU A 389 -9.70 -22.72 12.48
N LYS A 390 -9.39 -23.86 13.10
CA LYS A 390 -10.28 -25.02 13.10
C LYS A 390 -10.95 -25.18 14.46
N ARG A 391 -12.25 -25.41 14.45
CA ARG A 391 -13.04 -25.68 15.65
C ARG A 391 -14.08 -26.76 15.34
N HIS A 392 -13.96 -27.91 16.00
CA HIS A 392 -14.88 -29.04 15.83
C HIS A 392 -15.01 -29.52 14.38
N GLY A 393 -13.89 -29.55 13.66
CA GLY A 393 -13.86 -29.96 12.26
C GLY A 393 -14.31 -28.92 11.22
N LYS A 394 -14.62 -27.71 11.66
CA LYS A 394 -15.05 -26.62 10.79
C LYS A 394 -13.94 -25.60 10.63
N GLU A 395 -13.63 -25.21 9.39
CA GLU A 395 -12.67 -24.15 9.12
C GLU A 395 -13.32 -22.78 9.28
N LEU A 396 -12.70 -21.91 10.07
CA LEU A 396 -13.11 -20.51 10.22
C LEU A 396 -12.01 -19.61 9.66
N ILE A 397 -12.41 -18.56 8.94
CA ILE A 397 -11.46 -17.59 8.40
C ILE A 397 -10.77 -16.87 9.57
N ASN A 398 -9.44 -16.83 9.54
CA ASN A 398 -8.64 -16.16 10.57
C ASN A 398 -8.64 -14.66 10.33
N PHE A 399 -9.60 -13.95 10.94
CA PHE A 399 -9.72 -12.51 10.74
C PHE A 399 -8.68 -11.70 11.52
N SER A 400 -8.29 -12.18 12.71
CA SER A 400 -7.21 -11.54 13.47
C SER A 400 -5.94 -11.38 12.64
N LYS A 401 -5.63 -12.37 11.81
CA LYS A 401 -4.52 -12.29 10.84
C LYS A 401 -4.68 -11.08 9.92
N ARG A 402 -5.88 -10.94 9.34
CA ARG A 402 -6.18 -9.83 8.45
C ARG A 402 -6.13 -8.48 9.16
N ARG A 403 -6.63 -8.42 10.39
CA ARG A 403 -6.57 -7.18 11.18
C ARG A 403 -5.12 -6.75 11.46
N LYS A 404 -4.24 -7.70 11.80
CA LYS A 404 -2.83 -7.39 12.05
C LYS A 404 -2.15 -6.84 10.79
N VAL A 405 -2.43 -7.45 9.64
CA VAL A 405 -1.96 -6.95 8.34
C VAL A 405 -2.52 -5.54 8.05
N ALA A 406 -3.80 -5.34 8.35
CA ALA A 406 -4.46 -4.04 8.17
C ALA A 406 -3.85 -2.94 9.05
N GLU A 407 -3.46 -3.30 10.28
CA GLU A 407 -2.75 -2.38 11.18
C GLU A 407 -1.41 -1.89 10.60
N ILE A 408 -0.69 -2.77 9.91
CA ILE A 408 0.57 -2.39 9.26
C ILE A 408 0.30 -1.44 8.09
N THR A 409 -0.69 -1.75 7.26
CA THR A 409 -1.09 -0.86 6.16
C THR A 409 -1.65 0.48 6.68
N GLY A 410 -2.25 0.46 7.87
CA GLY A 410 -2.61 1.69 8.58
C GLY A 410 -1.43 2.60 8.87
N GLU A 411 -0.29 2.02 9.24
CA GLU A 411 0.95 2.77 9.45
C GLU A 411 1.47 3.43 8.17
N ILE A 412 1.29 2.76 7.02
CA ILE A 412 1.65 3.32 5.72
C ILE A 412 0.83 4.59 5.45
N GLN A 413 -0.48 4.48 5.63
CA GLN A 413 -1.43 5.55 5.30
C GLN A 413 -1.24 6.86 6.07
N GLN A 414 -0.75 6.79 7.32
CA GLN A 414 -0.56 8.00 8.14
C GLN A 414 0.49 8.98 7.56
N TYR A 415 1.39 8.47 6.70
CA TYR A 415 2.40 9.30 6.02
C TYR A 415 2.09 9.58 4.54
N GLN A 416 0.89 9.20 4.06
CA GLN A 416 0.52 9.34 2.64
C GLN A 416 -0.13 10.68 2.26
N ASN A 417 -0.16 11.65 3.19
CA ASN A 417 -0.60 13.01 2.88
C ASN A 417 0.42 14.02 3.41
N GLN A 418 1.60 14.01 2.80
CA GLN A 418 2.69 14.90 3.15
C GLN A 418 3.39 15.43 1.90
N PRO A 419 2.72 16.32 1.15
CA PRO A 419 3.34 16.87 -0.07
C PRO A 419 4.58 17.70 0.23
N TYR A 420 5.52 17.68 -0.73
CA TYR A 420 6.77 18.43 -0.62
C TYR A 420 6.60 19.81 -1.26
N CYS A 421 7.14 20.83 -0.60
CA CYS A 421 7.22 22.18 -1.18
C CYS A 421 8.46 22.27 -2.06
N LEU A 422 8.38 21.62 -3.23
CA LEU A 422 9.50 21.53 -4.17
C LEU A 422 8.95 21.50 -5.59
N ARG A 423 9.56 22.29 -6.47
CA ARG A 423 9.07 22.44 -7.83
C ARG A 423 9.49 21.24 -8.68
N VAL A 424 8.53 20.66 -9.41
CA VAL A 424 8.81 19.55 -10.32
C VAL A 424 9.54 20.08 -11.55
N GLU A 425 10.54 19.33 -12.00
CA GLU A 425 11.24 19.59 -13.26
C GLU A 425 10.95 18.38 -14.13
N SER A 426 10.24 18.62 -15.24
CA SER A 426 9.66 17.55 -16.04
C SER A 426 10.70 16.66 -16.73
N ASP A 427 11.77 17.27 -17.24
CA ASP A 427 12.82 16.52 -17.94
C ASP A 427 13.64 15.63 -17.01
N ILE A 428 13.94 16.13 -15.80
CA ILE A 428 14.66 15.34 -14.80
C ILE A 428 13.77 14.20 -14.28
N LYS A 429 12.47 14.46 -14.09
CA LYS A 429 11.52 13.42 -13.68
C LYS A 429 11.47 12.29 -14.70
N ARG A 430 11.30 12.64 -15.98
CA ARG A 430 11.32 11.66 -17.07
C ARG A 430 12.62 10.84 -17.09
N PHE A 431 13.75 11.49 -16.87
CA PHE A 431 15.05 10.81 -16.83
C PHE A 431 15.09 9.69 -15.79
N PHE A 432 14.65 9.98 -14.57
CA PHE A 432 14.64 8.99 -13.49
C PHE A 432 13.51 7.97 -13.59
N GLU A 433 12.37 8.38 -14.17
CA GLU A 433 11.28 7.43 -14.48
C GLU A 433 11.69 6.38 -15.53
N ASN A 434 12.56 6.77 -16.46
CA ASN A 434 12.99 5.89 -17.57
C ASN A 434 14.35 5.19 -17.38
N LEU A 435 14.82 5.07 -16.13
CA LEU A 435 16.06 4.32 -15.84
C LEU A 435 15.86 2.85 -16.17
N ASN A 436 16.77 2.30 -16.96
CA ASN A 436 16.74 0.90 -17.36
C ASN A 436 18.18 0.37 -17.37
N PRO A 437 18.81 0.25 -16.17
CA PRO A 437 20.20 -0.25 -16.09
C PRO A 437 20.39 -1.69 -16.58
N MET A 438 19.38 -2.54 -16.38
CA MET A 438 19.46 -3.95 -16.79
C MET A 438 19.43 -4.14 -18.30
N GLY A 439 18.72 -3.27 -19.01
CA GLY A 439 18.57 -3.39 -20.46
C GLY A 439 17.73 -4.60 -20.81
N ASN A 440 18.26 -5.45 -21.70
CA ASN A 440 17.60 -6.72 -22.05
C ASN A 440 17.92 -7.85 -21.06
N SER A 441 18.92 -7.67 -20.19
CA SER A 441 19.29 -8.71 -19.22
C SER A 441 18.24 -8.86 -18.12
N MET A 442 18.16 -10.08 -17.57
CA MET A 442 17.38 -10.33 -16.36
C MET A 442 18.22 -9.91 -15.15
N GLU A 443 17.58 -9.68 -14.00
CA GLU A 443 18.26 -9.12 -12.83
C GLU A 443 19.44 -9.96 -12.37
N LYS A 444 19.21 -11.26 -12.16
CA LYS A 444 20.24 -12.19 -11.65
C LYS A 444 21.50 -12.13 -12.51
N GLU A 445 21.31 -12.22 -13.82
CA GLU A 445 22.43 -12.18 -14.78
C GLU A 445 23.09 -10.80 -14.81
N PHE A 446 22.30 -9.73 -14.70
CA PHE A 446 22.84 -8.37 -14.64
C PHE A 446 23.65 -8.13 -13.36
N THR A 447 23.17 -8.64 -12.23
CA THR A 447 23.90 -8.51 -10.96
C THR A 447 25.17 -9.36 -10.96
N ASP A 448 25.15 -10.51 -11.65
CA ASP A 448 26.38 -11.29 -11.90
C ASP A 448 27.37 -10.48 -12.74
N TYR A 449 26.88 -9.80 -13.77
CA TYR A 449 27.70 -8.89 -14.57
C TYR A 449 28.29 -7.78 -13.69
N LEU A 450 27.47 -7.17 -12.83
CA LEU A 450 27.94 -6.13 -11.91
C LEU A 450 29.06 -6.66 -11.03
N PHE A 451 28.88 -7.82 -10.41
CA PHE A 451 29.93 -8.41 -9.57
C PHE A 451 31.22 -8.72 -10.35
N ASN A 452 31.08 -9.25 -11.56
CA ASN A 452 32.24 -9.51 -12.43
C ASN A 452 32.99 -8.24 -12.83
N LYS A 453 32.25 -7.15 -13.04
CA LYS A 453 32.86 -5.83 -13.24
C LYS A 453 33.69 -5.37 -12.03
N SER A 454 33.19 -5.61 -10.82
CA SER A 454 33.89 -5.25 -9.57
C SER A 454 35.23 -5.96 -9.45
N LEU A 455 35.25 -7.25 -9.82
CA LEU A 455 36.48 -8.05 -9.83
C LEU A 455 37.50 -7.52 -10.85
N GLU A 456 37.00 -7.03 -11.99
CA GLU A 456 37.88 -6.44 -13.01
C GLU A 456 38.52 -5.13 -12.54
N ILE A 457 37.70 -4.20 -12.07
CA ILE A 457 38.19 -2.87 -11.65
C ILE A 457 39.01 -2.90 -10.35
N GLU A 458 38.65 -3.82 -9.44
CA GLU A 458 39.41 -4.04 -8.21
C GLU A 458 39.56 -5.55 -7.93
N PRO A 459 40.58 -6.19 -8.54
CA PRO A 459 40.84 -7.63 -8.31
C PRO A 459 41.22 -7.99 -6.88
N ARG A 460 41.08 -9.26 -6.53
CA ARG A 460 41.38 -9.76 -5.19
C ARG A 460 42.88 -9.68 -4.85
N ASN A 461 43.20 -9.71 -3.56
CA ASN A 461 44.53 -9.41 -3.02
C ASN A 461 45.76 -10.00 -3.74
N PRO A 462 45.72 -11.29 -4.13
CA PRO A 462 46.85 -11.87 -4.88
C PRO A 462 47.22 -11.10 -6.17
N LYS A 463 46.20 -10.66 -6.92
CA LYS A 463 46.42 -9.90 -8.15
C LYS A 463 46.64 -8.42 -7.81
N PRO A 464 47.41 -7.69 -8.65
CA PRO A 464 47.61 -6.25 -8.45
C PRO A 464 46.45 -5.41 -8.96
N LEU A 465 46.53 -4.10 -8.75
CA LEU A 465 45.48 -3.14 -9.16
C LEU A 465 45.88 -2.44 -10.46
N PRO A 466 45.28 -2.83 -11.61
CA PRO A 466 45.58 -2.14 -12.86
C PRO A 466 44.92 -0.76 -12.95
N ARG A 467 45.49 0.10 -13.78
CA ARG A 467 44.95 1.45 -14.02
C ARG A 467 44.05 1.44 -15.26
N PHE A 468 43.09 2.36 -15.27
CA PHE A 468 42.10 2.45 -16.35
C PHE A 468 41.97 3.91 -16.80
N PRO A 469 41.66 4.12 -18.09
CA PRO A 469 41.54 5.49 -18.61
C PRO A 469 40.27 6.21 -18.15
N LYS A 470 40.28 7.53 -18.27
CA LYS A 470 39.12 8.36 -17.93
C LYS A 470 38.02 8.23 -18.99
N LYS A 471 36.77 8.21 -18.54
CA LYS A 471 35.58 8.24 -19.41
C LYS A 471 34.86 9.60 -19.42
N TYR A 472 35.06 10.43 -18.39
CA TYR A 472 34.37 11.72 -18.28
C TYR A 472 35.25 12.86 -18.80
N SER A 473 34.66 13.70 -19.66
CA SER A 473 35.37 14.83 -20.27
C SER A 473 34.98 16.18 -19.66
N TYR A 474 34.30 16.16 -18.51
CA TYR A 474 33.84 17.38 -17.84
C TYR A 474 34.40 17.39 -16.41
N PRO A 475 34.37 18.56 -15.72
CA PRO A 475 34.90 18.62 -14.35
C PRO A 475 34.17 17.68 -13.39
N LEU A 476 34.94 17.01 -12.51
CA LEU A 476 34.39 16.03 -11.57
C LEU A 476 34.08 16.62 -10.19
N LYS A 477 34.60 17.81 -9.89
CA LYS A 477 34.34 18.46 -8.61
C LYS A 477 32.84 18.72 -8.44
N SER A 478 32.29 18.26 -7.31
CA SER A 478 30.89 18.48 -6.99
C SER A 478 30.64 19.97 -6.72
N PRO A 479 29.44 20.47 -7.07
CA PRO A 479 29.10 21.83 -6.68
C PRO A 479 28.67 21.96 -5.20
N GLY A 480 28.42 20.82 -4.54
CA GLY A 480 28.08 20.77 -3.13
C GLY A 480 26.60 20.53 -2.89
N VAL A 481 26.22 20.49 -1.61
CA VAL A 481 24.84 20.18 -1.19
C VAL A 481 24.06 21.36 -0.58
N ARG A 482 24.74 22.47 -0.29
CA ARG A 482 24.08 23.66 0.25
C ARG A 482 23.40 24.42 -0.89
N PRO A 483 22.10 24.76 -0.73
CA PRO A 483 21.37 25.45 -1.80
C PRO A 483 21.74 26.93 -1.92
N SER A 484 21.32 27.54 -3.02
CA SER A 484 21.64 28.95 -3.31
C SER A 484 20.87 29.92 -2.39
N ASN A 485 21.52 30.33 -1.29
CA ASN A 485 20.99 31.34 -0.37
C ASN A 485 21.98 32.49 -0.05
N PRO A 486 22.76 32.96 -1.05
CA PRO A 486 23.65 34.10 -0.76
C PRO A 486 22.90 35.44 -0.76
#